data_2QEN
#
_entry.id   2QEN
#
_cell.length_a   80.614
_cell.length_b   49.195
_cell.length_c   108.863
_cell.angle_alpha   90.00
_cell.angle_beta   98.10
_cell.angle_gamma   90.00
#
_symmetry.space_group_name_H-M   'C 1 2 1'
#
loop_
_entity.id
_entity.type
_entity.pdbx_description
1 polymer 'WALKER-TYPE ATPASE'
2 non-polymer 'MAGNESIUM ION'
3 non-polymer "ADENOSINE-5'-DIPHOSPHATE"
4 water water
#
_entity_poly.entity_id   1
_entity_poly.type   'polypeptide(L)'
_entity_poly.pdbx_seq_one_letter_code
;MLFDLRPKTRREDIFDREEESRKLEESLENYPLTLLLGIRRVGKSSLLRAFLNERPGILIDCRELYAERGHITREELIKE
LQSTISPFQKFQSKFKISLNLKFLTLEPRKLSLREVFRELNDLGEELGEFIVAFDEAQYLRFYGSRGGKELLALFAYAYD
SLPNLKIILTGSEVGLLHDFLKITDYESPLYGRIAGEVLVKPFDKDTSVEFLKRGFREVNLDVPENEIEEAVELLDGIPG
WLVVFGVEYLRNGDFGRAMKRTLEVAKGLIMGELEELRRRSPRYVDILRAIALGYNRWSLIRDYLAVKGTKIPEPRLYAL
LENLKKMNWIVEEDNTYKIADPVVATVLRI
;
_entity_poly.pdbx_strand_id   A
#
# COMPACT_ATOMS: atom_id res chain seq x y z
N MET A 1 10.08 -6.98 18.65
CA MET A 1 11.40 -6.61 18.01
C MET A 1 11.25 -6.22 16.53
N LEU A 2 12.12 -5.33 16.05
CA LEU A 2 12.14 -4.92 14.64
C LEU A 2 12.37 -6.09 13.69
N PHE A 3 13.37 -6.90 14.00
CA PHE A 3 13.73 -8.02 13.15
C PHE A 3 12.81 -9.22 13.43
N ASP A 4 11.60 -9.09 12.92
CA ASP A 4 10.51 -10.04 13.15
C ASP A 4 9.58 -9.91 11.94
N LEU A 5 9.18 -11.05 11.38
CA LEU A 5 8.39 -11.07 10.13
C LEU A 5 6.88 -10.94 10.30
N ARG A 6 6.37 -11.16 11.51
CA ARG A 6 4.93 -10.99 11.79
C ARG A 6 4.47 -9.54 11.57
N PRO A 7 3.19 -9.32 11.22
CA PRO A 7 2.69 -7.96 10.99
C PRO A 7 2.83 -7.02 12.18
N LYS A 8 3.24 -5.79 11.92
CA LYS A 8 3.37 -4.79 12.97
C LYS A 8 2.06 -4.01 13.11
N THR A 9 1.57 -3.92 14.35
CA THR A 9 0.21 -3.44 14.62
C THR A 9 0.13 -2.28 15.62
N ARG A 10 1.25 -1.98 16.29
CA ARG A 10 1.27 -0.95 17.33
C ARG A 10 2.34 0.09 17.03
N ARG A 11 2.11 1.31 17.55
CA ARG A 11 3.02 2.44 17.42
C ARG A 11 4.43 2.15 17.96
N GLU A 12 4.54 1.53 19.14
CA GLU A 12 5.84 1.23 19.76
C GLU A 12 6.64 0.18 18.97
N ASP A 13 6.00 -0.45 17.99
CA ASP A 13 6.62 -1.45 17.12
C ASP A 13 7.08 -0.92 15.76
N ILE A 14 6.83 0.36 15.52
CA ILE A 14 7.12 1.02 14.25
C ILE A 14 8.33 1.94 14.45
N PHE A 15 9.40 1.72 13.68
CA PHE A 15 10.55 2.62 13.68
C PHE A 15 10.19 3.95 13.00
N ASP A 16 10.58 5.04 13.64
CA ASP A 16 10.22 6.43 13.26
C ASP A 16 8.78 6.66 12.80
N ARG A 17 8.65 7.18 11.57
CA ARG A 17 7.34 7.56 10.98
C ARG A 17 6.54 8.57 11.80
N GLU A 18 7.24 9.38 12.58
CA GLU A 18 6.59 10.35 13.46
C GLU A 18 6.04 11.57 12.69
N GLU A 19 6.75 11.97 11.65
CA GLU A 19 6.30 13.02 10.72
C GLU A 19 5.06 12.54 9.96
N GLU A 20 5.13 11.31 9.45
CA GLU A 20 4.05 10.70 8.67
C GLU A 20 2.76 10.50 9.48
N SER A 21 2.91 10.10 10.73
CA SER A 21 1.78 9.91 11.63
C SER A 21 1.07 11.24 11.95
N ARG A 22 1.84 12.28 12.25
CA ARG A 22 1.34 13.62 12.46
C ARG A 22 0.63 14.15 11.21
N LYS A 23 1.25 13.97 10.05
CA LYS A 23 0.65 14.36 8.78
C LYS A 23 -0.67 13.65 8.47
N LEU A 24 -0.78 12.38 8.87
CA LEU A 24 -2.00 11.61 8.75
C LEU A 24 -3.09 12.18 9.69
N GLU A 25 -2.74 12.47 10.94
CA GLU A 25 -3.65 13.11 11.91
C GLU A 25 -4.15 14.45 11.39
N GLU A 26 -3.22 15.25 10.87
CA GLU A 26 -3.53 16.56 10.30
C GLU A 26 -4.50 16.45 9.12
N SER A 27 -4.28 15.47 8.25
CA SER A 27 -5.13 15.29 7.09
C SER A 27 -6.58 14.92 7.48
N LEU A 28 -6.71 14.01 8.44
CA LEU A 28 -8.02 13.67 8.99
C LEU A 28 -8.74 14.90 9.56
N GLU A 29 -8.01 15.74 10.29
CA GLU A 29 -8.55 17.02 10.80
C GLU A 29 -9.07 17.94 9.71
N ASN A 30 -8.44 17.89 8.53
CA ASN A 30 -8.73 18.87 7.48
C ASN A 30 -9.71 18.42 6.39
N TYR A 31 -9.81 17.12 6.16
CA TYR A 31 -10.57 16.54 5.04
C TYR A 31 -11.32 15.30 5.50
N PRO A 32 -12.54 15.09 4.98
CA PRO A 32 -13.29 13.84 5.24
C PRO A 32 -12.61 12.60 4.63
N LEU A 33 -11.84 12.81 3.56
CA LEU A 33 -11.20 11.76 2.80
C LEU A 33 -9.69 12.03 2.71
N THR A 34 -8.88 11.00 2.99
CA THR A 34 -7.42 11.09 3.00
C THR A 34 -6.84 9.95 2.16
N LEU A 35 -5.84 10.24 1.34
CA LEU A 35 -5.12 9.20 0.61
C LEU A 35 -3.75 8.95 1.24
N LEU A 36 -3.44 7.69 1.54
CA LEU A 36 -2.14 7.34 2.05
C LEU A 36 -1.34 6.62 0.94
N LEU A 37 -0.28 7.27 0.47
CA LEU A 37 0.35 6.90 -0.80
C LEU A 37 1.84 6.64 -0.71
N GLY A 38 2.30 5.67 -1.50
CA GLY A 38 3.72 5.32 -1.59
C GLY A 38 3.96 3.97 -2.24
N ILE A 39 5.23 3.69 -2.50
CA ILE A 39 5.71 2.43 -3.09
C ILE A 39 5.30 1.21 -2.26
N ARG A 40 5.11 0.07 -2.91
CA ARG A 40 4.86 -1.18 -2.21
C ARG A 40 6.04 -1.51 -1.28
N ARG A 41 5.71 -1.90 -0.04
CA ARG A 41 6.67 -2.32 1.02
C ARG A 41 7.32 -1.15 1.76
N VAL A 42 6.88 0.06 1.45
CA VAL A 42 7.42 1.26 2.08
C VAL A 42 6.97 1.41 3.54
N GLY A 43 5.87 0.76 3.89
CA GLY A 43 5.35 0.76 5.26
C GLY A 43 3.98 1.37 5.51
N LYS A 44 3.12 1.44 4.47
CA LYS A 44 1.77 2.02 4.60
C LYS A 44 0.81 1.22 5.48
N SER A 45 0.70 -0.08 5.24
CA SER A 45 -0.18 -0.91 6.09
C SER A 45 0.24 -0.85 7.57
N SER A 46 1.54 -0.93 7.80
CA SER A 46 2.10 -0.92 9.15
C SER A 46 1.79 0.37 9.87
N LEU A 47 2.02 1.51 9.22
CA LEU A 47 1.70 2.82 9.75
C LEU A 47 0.20 2.93 10.04
N LEU A 48 -0.62 2.47 9.11
CA LEU A 48 -2.08 2.49 9.25
C LEU A 48 -2.59 1.63 10.42
N ARG A 49 -2.07 0.40 10.56
CA ARG A 49 -2.45 -0.45 11.71
C ARG A 49 -2.08 0.15 13.07
N ALA A 50 -0.88 0.73 13.16
CA ALA A 50 -0.43 1.43 14.36
C ALA A 50 -1.32 2.65 14.68
N PHE A 51 -1.68 3.40 13.64
CA PHE A 51 -2.57 4.55 13.75
C PHE A 51 -3.96 4.17 14.26
N LEU A 52 -4.52 3.08 13.71
CA LEU A 52 -5.84 2.60 14.14
C LEU A 52 -5.80 1.89 15.50
N ASN A 53 -4.62 1.44 15.93
CA ASN A 53 -4.44 0.80 17.23
C ASN A 53 -4.91 1.72 18.37
N GLU A 54 -4.70 3.02 18.18
CA GLU A 54 -5.05 4.02 19.19
C GLU A 54 -6.36 4.76 18.90
N ARG A 55 -6.84 4.64 17.66
CA ARG A 55 -8.01 5.37 17.18
C ARG A 55 -9.06 4.41 16.64
N PRO A 56 -10.34 4.54 17.08
CA PRO A 56 -11.42 3.67 16.64
C PRO A 56 -11.58 3.70 15.12
N GLY A 57 -11.49 2.52 14.52
CA GLY A 57 -11.53 2.39 13.08
C GLY A 57 -11.39 0.95 12.68
N ILE A 58 -11.63 0.71 11.40
CA ILE A 58 -11.46 -0.61 10.79
C ILE A 58 -10.63 -0.54 9.52
N LEU A 59 -9.89 -1.63 9.26
CA LEU A 59 -9.05 -1.72 8.08
C LEU A 59 -9.58 -2.84 7.20
N ILE A 60 -9.98 -2.47 5.98
CA ILE A 60 -10.44 -3.44 4.98
C ILE A 60 -9.37 -3.65 3.92
N ASP A 61 -8.87 -4.88 3.83
CA ASP A 61 -7.87 -5.28 2.84
C ASP A 61 -8.56 -5.59 1.49
N CYS A 62 -8.52 -4.61 0.60
CA CYS A 62 -9.16 -4.68 -0.71
C CYS A 62 -8.47 -5.66 -1.66
N ARG A 63 -7.15 -5.83 -1.52
CA ARG A 63 -6.43 -6.81 -2.32
C ARG A 63 -6.85 -8.25 -1.95
N GLU A 64 -6.90 -8.54 -0.65
CA GLU A 64 -7.41 -9.82 -0.14
C GLU A 64 -8.88 -10.08 -0.56
N LEU A 65 -9.68 -9.02 -0.74
CA LEU A 65 -11.06 -9.19 -1.21
C LEU A 65 -11.12 -9.55 -2.70
N TYR A 66 -10.21 -8.97 -3.46
CA TYR A 66 -10.11 -9.19 -4.90
C TYR A 66 -9.47 -10.54 -5.24
N ALA A 67 -8.43 -10.92 -4.47
CA ALA A 67 -7.59 -12.10 -4.72
C ALA A 67 -8.29 -13.38 -5.22
N GLU A 68 -9.34 -13.81 -4.52
CA GLU A 68 -9.96 -15.11 -4.80
C GLU A 68 -10.58 -15.22 -6.20
N ARG A 69 -11.55 -14.36 -6.49
CA ARG A 69 -12.32 -14.45 -7.75
C ARG A 69 -11.94 -13.37 -8.78
N GLY A 70 -11.03 -12.47 -8.42
CA GLY A 70 -10.66 -11.34 -9.28
C GLY A 70 -11.81 -10.34 -9.40
N HIS A 71 -12.60 -10.23 -8.32
CA HIS A 71 -13.87 -9.52 -8.33
C HIS A 71 -14.36 -9.40 -6.90
N ILE A 72 -15.10 -8.33 -6.60
CA ILE A 72 -15.71 -8.11 -5.27
C ILE A 72 -17.20 -7.79 -5.40
N THR A 73 -18.03 -8.52 -4.65
CA THR A 73 -19.47 -8.25 -4.61
C THR A 73 -19.81 -7.44 -3.37
N ARG A 74 -21.00 -6.83 -3.38
CA ARG A 74 -21.60 -6.14 -2.23
C ARG A 74 -21.66 -7.03 -0.99
N GLU A 75 -22.18 -8.24 -1.14
CA GLU A 75 -22.30 -9.18 -0.03
C GLU A 75 -20.96 -9.49 0.65
N GLU A 76 -19.92 -9.71 -0.16
CA GLU A 76 -18.58 -10.02 0.35
C GLU A 76 -17.95 -8.84 1.09
N LEU A 77 -18.07 -7.65 0.52
CA LEU A 77 -17.58 -6.44 1.13
C LEU A 77 -18.28 -6.23 2.47
N ILE A 78 -19.60 -6.35 2.48
CA ILE A 78 -20.38 -6.16 3.71
C ILE A 78 -20.00 -7.20 4.78
N LYS A 79 -19.87 -8.46 4.37
CA LYS A 79 -19.44 -9.53 5.27
C LYS A 79 -18.05 -9.23 5.90
N GLU A 80 -17.15 -8.64 5.11
CA GLU A 80 -15.82 -8.21 5.58
C GLU A 80 -15.86 -7.01 6.56
N LEU A 81 -16.70 -6.03 6.30
CA LEU A 81 -16.98 -4.97 7.29
C LEU A 81 -17.49 -5.53 8.61
N GLN A 82 -18.41 -6.49 8.52
CA GLN A 82 -18.96 -7.17 9.69
C GLN A 82 -17.90 -7.90 10.51
N SER A 83 -17.07 -8.69 9.85
CA SER A 83 -16.07 -9.51 10.54
C SER A 83 -14.89 -8.69 11.06
N THR A 84 -14.60 -7.57 10.43
CA THR A 84 -13.48 -6.72 10.84
C THR A 84 -13.78 -5.94 12.13
N ILE A 85 -15.04 -5.56 12.30
CA ILE A 85 -15.45 -4.85 13.52
C ILE A 85 -15.89 -5.81 14.61
N SER A 86 -15.89 -7.10 14.33
CA SER A 86 -16.27 -8.13 15.32
C SER A 86 -15.04 -8.83 15.95
N PRO A 87 -15.17 -9.35 17.19
CA PRO A 87 -16.31 -9.21 18.12
C PRO A 87 -16.44 -7.76 18.56
N PHE A 88 -17.64 -7.20 18.38
CA PHE A 88 -17.86 -5.80 18.68
C PHE A 88 -17.78 -5.47 20.18
N GLN A 89 -18.06 -6.46 21.03
CA GLN A 89 -17.94 -6.28 22.48
C GLN A 89 -16.50 -5.97 22.92
N LYS A 90 -15.53 -6.54 22.22
CA LYS A 90 -14.12 -6.22 22.43
C LYS A 90 -13.83 -4.75 22.11
N PHE A 91 -14.43 -4.27 21.01
CA PHE A 91 -14.33 -2.88 20.57
C PHE A 91 -14.95 -1.91 21.59
N GLN A 92 -16.16 -2.23 22.02
CA GLN A 92 -16.90 -1.48 23.02
C GLN A 92 -16.18 -1.45 24.37
N SER A 93 -15.48 -2.53 24.71
CA SER A 93 -14.71 -2.58 25.95
C SER A 93 -13.46 -1.70 25.84
N LYS A 94 -12.79 -1.74 24.68
CA LYS A 94 -11.56 -0.99 24.45
C LYS A 94 -11.81 0.53 24.38
N PHE A 95 -12.83 0.91 23.63
CA PHE A 95 -13.12 2.32 23.41
C PHE A 95 -14.28 2.83 24.26
N LYS A 96 -14.80 1.96 25.12
CA LYS A 96 -15.87 2.32 26.06
C LYS A 96 -17.08 2.90 25.35
N ILE A 97 -17.66 2.10 24.45
CA ILE A 97 -18.84 2.48 23.66
C ILE A 97 -20.10 1.81 24.19
N SER A 98 -21.16 2.60 24.36
CA SER A 98 -22.45 2.07 24.80
C SER A 98 -23.36 1.66 23.63
N LEU A 99 -23.28 2.41 22.54
CA LEU A 99 -24.02 2.09 21.29
C LEU A 99 -23.80 0.67 20.77
N ASN A 100 -24.88 0.06 20.27
CA ASN A 100 -24.81 -1.21 19.57
C ASN A 100 -24.98 -0.97 18.06
N LEU A 101 -24.44 -1.89 17.26
CA LEU A 101 -24.57 -1.81 15.82
C LEU A 101 -25.59 -2.82 15.32
N LYS A 102 -26.68 -2.30 14.73
CA LYS A 102 -27.73 -3.13 14.16
C LYS A 102 -27.25 -4.04 13.03
N PHE A 103 -26.39 -3.52 12.16
CA PHE A 103 -26.04 -4.24 10.93
C PHE A 103 -25.30 -5.56 11.17
N LEU A 104 -24.80 -5.74 12.39
CA LEU A 104 -24.08 -6.96 12.74
C LEU A 104 -24.99 -8.18 12.93
N THR A 105 -26.25 -7.93 13.26
CA THR A 105 -27.26 -8.98 13.40
C THR A 105 -27.79 -9.42 12.03
N LEU A 106 -27.57 -8.55 11.00
CA LEU A 106 -28.24 -8.72 9.70
C LEU A 106 -27.37 -9.47 8.70
N GLU A 107 -28.02 -10.29 7.87
CA GLU A 107 -27.34 -11.02 6.79
C GLU A 107 -26.89 -10.05 5.70
N PRO A 108 -25.62 -10.19 5.24
CA PRO A 108 -25.03 -9.29 4.23
C PRO A 108 -25.88 -9.12 2.97
N ARG A 109 -26.59 -10.19 2.57
CA ARG A 109 -27.53 -10.20 1.44
C ARG A 109 -28.56 -9.07 1.48
N LYS A 110 -28.97 -8.68 2.69
CA LYS A 110 -30.08 -7.74 2.87
C LYS A 110 -29.68 -6.37 3.44
N LEU A 111 -28.38 -6.04 3.37
CA LEU A 111 -27.88 -4.74 3.83
C LEU A 111 -27.37 -3.88 2.66
N SER A 112 -27.58 -2.57 2.74
CA SER A 112 -26.95 -1.64 1.82
C SER A 112 -25.68 -1.04 2.44
N LEU A 113 -24.76 -0.61 1.58
CA LEU A 113 -23.54 0.04 2.02
C LEU A 113 -23.81 1.33 2.81
N ARG A 114 -24.80 2.09 2.34
CA ARG A 114 -25.18 3.34 2.96
C ARG A 114 -25.71 3.17 4.38
N GLU A 115 -26.55 2.16 4.57
CA GLU A 115 -27.10 1.70 5.87
C GLU A 115 -25.98 1.44 6.88
N VAL A 116 -24.99 0.66 6.46
CA VAL A 116 -23.82 0.32 7.27
C VAL A 116 -23.00 1.55 7.64
N PHE A 117 -22.76 2.42 6.66
CA PHE A 117 -21.95 3.62 6.89
C PHE A 117 -22.63 4.63 7.81
N ARG A 118 -23.95 4.76 7.72
CA ARG A 118 -24.74 5.60 8.62
C ARG A 118 -24.63 5.16 10.09
N GLU A 119 -24.78 3.86 10.34
CA GLU A 119 -24.54 3.30 11.67
C GLU A 119 -23.13 3.56 12.22
N LEU A 120 -22.12 3.46 11.37
CA LEU A 120 -20.73 3.74 11.76
C LEU A 120 -20.48 5.21 12.08
N ASN A 121 -21.16 6.10 11.34
CA ASN A 121 -21.17 7.53 11.63
C ASN A 121 -21.86 7.86 12.96
N ASP A 122 -22.97 7.16 13.27
CA ASP A 122 -23.66 7.26 14.57
C ASP A 122 -22.71 6.87 15.71
N LEU A 123 -21.88 5.86 15.46
CA LEU A 123 -20.86 5.43 16.40
C LEU A 123 -19.78 6.52 16.54
N GLY A 124 -19.42 7.12 15.41
CA GLY A 124 -18.50 8.26 15.36
C GLY A 124 -18.96 9.44 16.20
N GLU A 125 -20.28 9.67 16.21
CA GLU A 125 -20.89 10.75 16.98
C GLU A 125 -20.62 10.63 18.47
N GLU A 126 -20.60 9.41 18.97
CA GLU A 126 -20.32 9.17 20.38
C GLU A 126 -18.83 9.32 20.67
N LEU A 127 -18.01 8.73 19.79
CA LEU A 127 -16.57 8.69 19.97
C LEU A 127 -15.88 10.02 19.62
N GLY A 128 -16.51 10.78 18.73
CA GLY A 128 -15.89 11.97 18.15
C GLY A 128 -15.73 11.75 16.66
N GLU A 129 -15.16 10.60 16.31
CA GLU A 129 -14.78 10.24 14.96
C GLU A 129 -14.66 8.72 14.87
N PHE A 130 -15.12 8.16 13.74
CA PHE A 130 -14.84 6.77 13.40
C PHE A 130 -14.13 6.67 12.04
N ILE A 131 -13.06 5.87 11.98
CA ILE A 131 -12.31 5.69 10.74
C ILE A 131 -12.63 4.39 10.01
N VAL A 132 -12.91 4.51 8.71
CA VAL A 132 -12.97 3.35 7.82
C VAL A 132 -11.83 3.46 6.85
N ALA A 133 -10.92 2.48 6.89
CA ALA A 133 -9.75 2.47 6.01
C ALA A 133 -9.80 1.32 4.99
N PHE A 134 -9.57 1.69 3.74
CA PHE A 134 -9.49 0.72 2.65
C PHE A 134 -8.03 0.60 2.21
N ASP A 135 -7.44 -0.55 2.49
CA ASP A 135 -6.05 -0.79 2.13
C ASP A 135 -5.97 -1.26 0.71
N GLU A 136 -5.17 -0.56 -0.11
CA GLU A 136 -5.04 -0.83 -1.55
C GLU A 136 -6.40 -0.69 -2.24
N ALA A 137 -7.00 0.48 -2.05
CA ALA A 137 -8.35 0.79 -2.49
C ALA A 137 -8.52 0.83 -4.02
N GLN A 138 -7.41 0.82 -4.76
CA GLN A 138 -7.49 0.77 -6.22
C GLN A 138 -8.12 -0.54 -6.71
N TYR A 139 -8.10 -1.58 -5.86
CA TYR A 139 -8.74 -2.84 -6.22
C TYR A 139 -10.27 -2.78 -6.14
N LEU A 140 -10.81 -1.68 -5.65
CA LEU A 140 -12.25 -1.51 -5.58
C LEU A 140 -12.83 -1.23 -6.97
N ARG A 141 -11.97 -1.00 -7.95
CA ARG A 141 -12.38 -0.89 -9.36
C ARG A 141 -12.90 -2.24 -9.87
N PHE A 142 -12.57 -3.30 -9.14
CA PHE A 142 -13.05 -4.66 -9.44
C PHE A 142 -14.30 -5.03 -8.62
N TYR A 143 -14.90 -4.03 -7.99
CA TYR A 143 -16.16 -4.18 -7.29
C TYR A 143 -17.34 -4.03 -8.25
N GLY A 144 -18.33 -4.93 -8.14
CA GLY A 144 -19.54 -4.85 -8.94
C GLY A 144 -19.30 -5.06 -10.42
N SER A 145 -20.12 -4.43 -11.26
CA SER A 145 -19.89 -4.48 -12.72
C SER A 145 -19.96 -3.11 -13.37
N ARG A 146 -19.77 -2.06 -12.57
CA ARG A 146 -19.76 -0.69 -13.05
C ARG A 146 -18.44 0.02 -12.70
N GLY A 147 -17.38 -0.75 -12.59
CA GLY A 147 -16.04 -0.25 -12.24
C GLY A 147 -15.88 0.31 -10.84
N GLY A 148 -16.70 -0.19 -9.90
CA GLY A 148 -16.65 0.27 -8.50
C GLY A 148 -17.27 1.65 -8.25
N LYS A 149 -18.17 2.07 -9.14
CA LYS A 149 -18.79 3.40 -9.07
C LYS A 149 -19.71 3.58 -7.86
N GLU A 150 -20.33 2.48 -7.45
CA GLU A 150 -21.13 2.44 -6.23
C GLU A 150 -20.29 2.81 -5.02
N LEU A 151 -18.99 2.45 -5.03
CA LEU A 151 -18.09 2.86 -3.92
C LEU A 151 -17.73 4.34 -3.98
N LEU A 152 -17.51 4.87 -5.18
CA LEU A 152 -17.32 6.31 -5.35
C LEU A 152 -18.53 7.12 -4.88
N ALA A 153 -19.74 6.65 -5.22
CA ALA A 153 -20.97 7.25 -4.76
C ALA A 153 -21.09 7.19 -3.23
N LEU A 154 -20.79 6.04 -2.65
CA LEU A 154 -20.76 5.88 -1.20
C LEU A 154 -19.80 6.86 -0.55
N PHE A 155 -18.59 6.99 -1.12
CA PHE A 155 -17.57 7.93 -0.62
C PHE A 155 -18.02 9.41 -0.70
N ALA A 156 -18.73 9.76 -1.76
CA ALA A 156 -19.26 11.12 -1.94
C ALA A 156 -20.30 11.40 -0.88
N TYR A 157 -21.11 10.39 -0.58
CA TYR A 157 -22.13 10.51 0.47
C TYR A 157 -21.50 10.68 1.86
N ALA A 158 -20.54 9.82 2.19
CA ALA A 158 -19.76 10.02 3.42
C ALA A 158 -19.13 11.43 3.51
N TYR A 159 -18.52 11.87 2.41
CA TYR A 159 -17.84 13.17 2.32
C TYR A 159 -18.78 14.30 2.72
N ASP A 160 -19.96 14.31 2.11
CA ASP A 160 -20.90 15.42 2.27
C ASP A 160 -21.73 15.35 3.55
N SER A 161 -22.07 14.14 3.98
CA SER A 161 -23.17 13.95 4.93
C SER A 161 -22.86 13.19 6.21
N LEU A 162 -21.68 12.59 6.30
CA LEU A 162 -21.29 11.83 7.50
C LEU A 162 -20.07 12.46 8.19
N PRO A 163 -20.27 13.59 8.91
CA PRO A 163 -19.16 14.36 9.49
C PRO A 163 -18.38 13.66 10.61
N ASN A 164 -18.95 12.63 11.22
CA ASN A 164 -18.21 11.88 12.24
C ASN A 164 -17.56 10.63 11.69
N LEU A 165 -17.40 10.60 10.38
CA LEU A 165 -16.83 9.45 9.72
C LEU A 165 -15.68 9.91 8.82
N LYS A 166 -14.52 9.28 8.98
CA LYS A 166 -13.35 9.60 8.17
C LYS A 166 -12.96 8.37 7.37
N ILE A 167 -12.55 8.60 6.14
CA ILE A 167 -12.19 7.51 5.23
C ILE A 167 -10.73 7.72 4.81
N ILE A 168 -9.94 6.66 4.91
CA ILE A 168 -8.56 6.64 4.44
C ILE A 168 -8.51 5.60 3.33
N LEU A 169 -7.97 5.99 2.18
CA LEU A 169 -7.70 5.07 1.07
C LEU A 169 -6.19 5.02 0.86
N THR A 170 -5.66 3.81 0.87
CA THR A 170 -4.24 3.64 0.63
C THR A 170 -4.07 3.02 -0.74
N GLY A 171 -2.89 3.21 -1.32
CA GLY A 171 -2.53 2.62 -2.60
C GLY A 171 -1.03 2.61 -2.80
N SER A 172 -0.52 1.43 -3.18
CA SER A 172 0.84 1.30 -3.69
C SER A 172 0.89 1.67 -5.17
N GLU A 173 -0.21 1.40 -5.89
CA GLU A 173 -0.34 1.77 -7.30
C GLU A 173 -1.02 3.13 -7.32
N VAL A 174 -0.24 4.15 -6.99
CA VAL A 174 -0.74 5.51 -6.78
C VAL A 174 -1.52 6.09 -7.98
N GLY A 175 -0.97 5.94 -9.17
CA GLY A 175 -1.61 6.44 -10.38
C GLY A 175 -2.95 5.76 -10.62
N LEU A 176 -3.03 4.48 -10.24
CA LEU A 176 -4.22 3.67 -10.44
C LEU A 176 -5.29 4.04 -9.43
N LEU A 177 -4.87 4.47 -8.24
CA LEU A 177 -5.79 4.99 -7.25
C LEU A 177 -6.38 6.31 -7.74
N HIS A 178 -5.54 7.25 -8.15
CA HIS A 178 -6.02 8.51 -8.75
C HIS A 178 -6.96 8.26 -9.94
N ASP A 179 -6.67 7.25 -10.75
CA ASP A 179 -7.51 6.91 -11.90
C ASP A 179 -8.89 6.45 -11.46
N PHE A 180 -8.94 5.59 -10.45
CA PHE A 180 -10.21 5.05 -9.92
C PHE A 180 -11.13 6.15 -9.37
N LEU A 181 -10.57 7.07 -8.60
CA LEU A 181 -11.33 8.15 -7.96
C LEU A 181 -11.91 9.19 -8.94
N LYS A 182 -11.10 9.55 -9.95
CA LYS A 182 -11.48 10.47 -11.04
C LYS A 182 -12.02 11.81 -10.56
N ILE A 183 -11.34 12.46 -9.62
CA ILE A 183 -11.89 13.65 -8.98
C ILE A 183 -12.01 14.87 -9.91
N THR A 184 -11.48 14.76 -11.13
CA THR A 184 -11.57 15.83 -12.14
C THR A 184 -12.47 15.47 -13.34
N ASP A 185 -13.05 14.28 -13.30
CA ASP A 185 -14.06 13.85 -14.27
C ASP A 185 -15.46 14.13 -13.72
N TYR A 186 -16.28 14.85 -14.48
CA TYR A 186 -17.62 15.27 -14.03
C TYR A 186 -18.56 14.10 -13.79
N GLU A 187 -18.25 12.98 -14.42
CA GLU A 187 -19.05 11.76 -14.32
C GLU A 187 -18.83 11.04 -12.98
N SER A 188 -17.66 11.25 -12.38
CA SER A 188 -17.30 10.71 -11.07
C SER A 188 -18.15 11.33 -9.95
N PRO A 189 -18.79 10.47 -9.13
CA PRO A 189 -19.53 10.96 -7.97
C PRO A 189 -18.67 11.80 -7.02
N LEU A 190 -17.35 11.59 -7.03
CA LEU A 190 -16.43 12.35 -6.19
C LEU A 190 -15.96 13.67 -6.81
N TYR A 191 -16.53 14.05 -7.95
CA TYR A 191 -16.05 15.23 -8.68
C TYR A 191 -16.04 16.49 -7.80
N GLY A 192 -14.94 17.23 -7.87
CA GLY A 192 -14.77 18.47 -7.10
C GLY A 192 -14.45 18.29 -5.62
N ARG A 193 -14.45 17.05 -5.14
CA ARG A 193 -14.25 16.79 -3.72
C ARG A 193 -12.78 16.58 -3.43
N ILE A 194 -12.25 17.36 -2.49
CA ILE A 194 -10.81 17.38 -2.21
C ILE A 194 -10.43 16.40 -1.09
N ALA A 195 -9.42 15.58 -1.37
CA ALA A 195 -8.87 14.61 -0.42
C ALA A 195 -7.49 15.05 0.05
N GLY A 196 -7.19 14.82 1.32
CA GLY A 196 -5.82 15.01 1.79
C GLY A 196 -4.92 13.93 1.22
N GLU A 197 -3.62 14.19 1.21
CA GLU A 197 -2.64 13.24 0.69
C GLU A 197 -1.48 13.17 1.65
N VAL A 198 -1.25 11.96 2.15
CA VAL A 198 -0.11 11.66 2.99
C VAL A 198 0.81 10.68 2.26
N LEU A 199 2.03 11.13 2.01
CA LEU A 199 3.04 10.44 1.24
C LEU A 199 4.03 9.73 2.17
N VAL A 200 4.19 8.42 1.95
CA VAL A 200 5.14 7.60 2.69
C VAL A 200 6.28 7.19 1.75
N LYS A 201 7.46 7.71 2.04
CA LYS A 201 8.66 7.53 1.23
C LYS A 201 9.63 6.58 1.92
N PRO A 202 10.57 5.97 1.16
CA PRO A 202 11.69 5.22 1.73
C PRO A 202 12.46 6.05 2.75
N PHE A 203 12.96 5.40 3.80
CA PHE A 203 13.87 6.04 4.75
C PHE A 203 15.06 6.63 4.01
N ASP A 204 15.57 7.76 4.51
CA ASP A 204 16.86 8.26 4.02
C ASP A 204 18.02 7.36 4.48
N LYS A 205 19.23 7.64 3.99
CA LYS A 205 20.42 6.89 4.35
C LYS A 205 20.59 6.69 5.86
N ASP A 206 20.62 7.80 6.59
CA ASP A 206 20.90 7.77 8.03
C ASP A 206 19.83 7.05 8.84
N THR A 207 18.57 7.21 8.43
CA THR A 207 17.43 6.51 9.04
C THR A 207 17.54 4.99 8.80
N SER A 208 17.81 4.60 7.57
CA SER A 208 18.07 3.18 7.24
C SER A 208 19.15 2.54 8.12
N VAL A 209 20.28 3.22 8.24
CA VAL A 209 21.40 2.79 9.10
C VAL A 209 20.94 2.64 10.56
N GLU A 210 20.24 3.66 11.07
CA GLU A 210 19.67 3.63 12.41
C GLU A 210 18.63 2.52 12.65
N PHE A 211 17.82 2.24 11.63
CA PHE A 211 16.84 1.16 11.63
C PHE A 211 17.55 -0.17 11.88
N LEU A 212 18.53 -0.49 11.06
CA LEU A 212 19.33 -1.71 11.20
C LEU A 212 20.08 -1.79 12.53
N LYS A 213 20.69 -0.67 12.92
CA LYS A 213 21.37 -0.56 14.21
C LYS A 213 20.47 -0.92 15.38
N ARG A 214 19.26 -0.35 15.43
CA ARG A 214 18.28 -0.66 16.47
C ARG A 214 17.92 -2.16 16.48
N GLY A 215 17.64 -2.71 15.28
CA GLY A 215 17.33 -4.13 15.14
C GLY A 215 18.34 -5.09 15.75
N PHE A 216 19.62 -4.81 15.56
CA PHE A 216 20.70 -5.63 16.12
C PHE A 216 20.94 -5.35 17.60
N ARG A 217 20.75 -4.09 18.00
CA ARG A 217 20.84 -3.68 19.40
C ARG A 217 19.86 -4.46 20.29
N GLU A 218 18.63 -4.62 19.80
CA GLU A 218 17.56 -5.33 20.52
C GLU A 218 17.91 -6.78 20.90
N VAL A 219 18.83 -7.39 20.18
CA VAL A 219 19.31 -8.75 20.52
C VAL A 219 20.78 -8.76 20.95
N ASN A 220 21.26 -7.63 21.45
CA ASN A 220 22.64 -7.48 21.96
C ASN A 220 23.73 -7.87 20.94
N LEU A 221 23.37 -7.86 19.67
CA LEU A 221 24.30 -8.14 18.59
C LEU A 221 24.96 -6.85 18.12
N ASP A 222 26.28 -6.90 17.98
CA ASP A 222 27.10 -5.82 17.42
C ASP A 222 27.49 -6.22 15.99
N VAL A 223 27.03 -5.45 15.01
CA VAL A 223 27.35 -5.72 13.62
C VAL A 223 28.29 -4.62 13.12
N PRO A 224 29.43 -5.01 12.50
CA PRO A 224 30.41 -4.00 12.07
C PRO A 224 29.76 -2.91 11.21
N GLU A 225 30.28 -1.69 11.35
CA GLU A 225 29.74 -0.50 10.68
C GLU A 225 29.63 -0.66 9.17
N ASN A 226 30.69 -1.16 8.54
CA ASN A 226 30.75 -1.36 7.10
C ASN A 226 29.73 -2.37 6.52
N GLU A 227 29.30 -3.34 7.33
CA GLU A 227 28.30 -4.31 6.91
C GLU A 227 26.89 -3.69 6.89
N ILE A 228 26.60 -2.85 7.86
CA ILE A 228 25.35 -2.08 7.85
C ILE A 228 25.33 -1.08 6.69
N GLU A 229 26.43 -0.38 6.45
CA GLU A 229 26.55 0.51 5.28
C GLU A 229 26.32 -0.23 3.97
N GLU A 230 26.97 -1.39 3.82
CA GLU A 230 26.80 -2.22 2.62
C GLU A 230 25.35 -2.71 2.45
N ALA A 231 24.69 -3.09 3.53
CA ALA A 231 23.29 -3.53 3.45
C ALA A 231 22.37 -2.39 2.96
N VAL A 232 22.62 -1.18 3.42
CA VAL A 232 21.80 -0.01 3.05
C VAL A 232 22.05 0.43 1.60
N GLU A 233 23.28 0.30 1.13
CA GLU A 233 23.59 0.53 -0.28
C GLU A 233 22.87 -0.46 -1.20
N LEU A 234 22.71 -1.71 -0.78
CA LEU A 234 21.91 -2.66 -1.55
C LEU A 234 20.40 -2.52 -1.34
N LEU A 235 19.98 -2.21 -0.11
CA LEU A 235 18.55 -2.24 0.23
C LEU A 235 17.80 -0.88 0.28
N ASP A 236 18.54 0.23 0.23
CA ASP A 236 18.02 1.61 -0.04
C ASP A 236 16.71 2.12 0.66
N GLY A 237 16.60 1.91 1.97
CA GLY A 237 15.49 2.57 2.72
C GLY A 237 14.11 1.94 2.66
N ILE A 238 13.99 0.77 2.03
CA ILE A 238 12.72 0.06 1.99
C ILE A 238 12.61 -0.82 3.25
N PRO A 239 11.71 -0.46 4.18
CA PRO A 239 11.65 -1.20 5.45
C PRO A 239 11.35 -2.69 5.27
N GLY A 240 10.58 -3.05 4.24
CA GLY A 240 10.25 -4.46 3.98
C GLY A 240 11.51 -5.30 3.78
N TRP A 241 12.46 -4.77 3.00
CA TRP A 241 13.71 -5.48 2.74
C TRP A 241 14.71 -5.38 3.90
N LEU A 242 14.73 -4.25 4.59
CA LEU A 242 15.57 -4.06 5.78
C LEU A 242 15.23 -5.04 6.92
N VAL A 243 13.95 -5.33 7.09
CA VAL A 243 13.49 -6.34 8.06
C VAL A 243 13.83 -7.78 7.64
N VAL A 244 13.62 -8.14 6.38
CA VAL A 244 14.00 -9.47 5.86
C VAL A 244 15.51 -9.71 6.06
N PHE A 245 16.32 -8.71 5.74
CA PHE A 245 17.76 -8.76 5.96
C PHE A 245 18.12 -8.95 7.44
N GLY A 246 17.50 -8.17 8.33
CA GLY A 246 17.73 -8.25 9.77
C GLY A 246 17.45 -9.64 10.30
N VAL A 247 16.28 -10.17 9.99
CA VAL A 247 15.93 -11.58 10.24
C VAL A 247 16.98 -12.58 9.71
N GLU A 248 17.33 -12.48 8.43
CA GLU A 248 18.30 -13.42 7.82
C GLU A 248 19.68 -13.34 8.46
N TYR A 249 20.08 -12.13 8.89
CA TYR A 249 21.34 -11.96 9.57
C TYR A 249 21.35 -12.63 10.94
N LEU A 250 20.25 -12.50 11.69
CA LEU A 250 20.11 -13.15 13.00
C LEU A 250 20.13 -14.68 12.89
N ARG A 251 19.58 -15.19 11.80
CA ARG A 251 19.53 -16.61 11.55
C ARG A 251 20.84 -17.19 10.99
N ASN A 252 21.62 -16.36 10.29
CA ASN A 252 22.78 -16.83 9.52
C ASN A 252 24.13 -16.31 9.98
N GLY A 253 24.15 -15.14 10.63
CA GLY A 253 25.35 -14.64 11.32
C GLY A 253 26.45 -14.09 10.42
N ASP A 254 26.11 -13.83 9.16
CA ASP A 254 27.11 -13.46 8.16
C ASP A 254 26.51 -12.52 7.12
N PHE A 255 27.25 -11.46 6.78
CA PHE A 255 26.73 -10.48 5.82
C PHE A 255 26.43 -11.12 4.46
N GLY A 256 27.38 -11.87 3.90
CA GLY A 256 27.20 -12.51 2.60
C GLY A 256 25.98 -13.42 2.53
N ARG A 257 25.87 -14.36 3.47
CA ARG A 257 24.76 -15.33 3.51
C ARG A 257 23.41 -14.70 3.84
N ALA A 258 23.39 -13.74 4.76
CA ALA A 258 22.16 -12.97 5.03
C ALA A 258 21.66 -12.20 3.81
N MET A 259 22.57 -11.57 3.07
CA MET A 259 22.15 -10.83 1.87
C MET A 259 21.74 -11.78 0.73
N LYS A 260 22.44 -12.90 0.59
CA LYS A 260 22.10 -13.89 -0.42
C LYS A 260 20.66 -14.38 -0.20
N ARG A 261 20.35 -14.74 1.04
CA ARG A 261 19.00 -15.17 1.44
C ARG A 261 17.95 -14.06 1.31
N THR A 262 18.31 -12.82 1.64
CA THR A 262 17.40 -11.68 1.46
C THR A 262 17.01 -11.57 -0.03
N LEU A 263 18.00 -11.66 -0.91
CA LEU A 263 17.79 -11.56 -2.35
C LEU A 263 16.97 -12.70 -2.92
N GLU A 264 17.17 -13.90 -2.37
CA GLU A 264 16.32 -15.09 -2.64
C GLU A 264 14.86 -14.85 -2.32
N VAL A 265 14.59 -14.42 -1.08
CA VAL A 265 13.24 -14.07 -0.64
C VAL A 265 12.63 -12.97 -1.54
N ALA A 266 13.37 -11.89 -1.78
CA ALA A 266 12.92 -10.83 -2.68
C ALA A 266 12.62 -11.36 -4.09
N LYS A 267 13.56 -12.11 -4.66
CA LYS A 267 13.37 -12.71 -5.98
C LYS A 267 12.06 -13.50 -6.07
N GLY A 268 11.75 -14.31 -5.05
CA GLY A 268 10.55 -15.13 -5.03
C GLY A 268 9.27 -14.31 -5.14
N LEU A 269 9.15 -13.32 -4.26
CA LEU A 269 7.97 -12.45 -4.22
C LEU A 269 7.82 -11.62 -5.50
N ILE A 270 8.91 -10.99 -5.91
CA ILE A 270 8.91 -10.14 -7.11
C ILE A 270 8.61 -10.93 -8.38
N MET A 271 9.09 -12.16 -8.43
CA MET A 271 8.85 -13.03 -9.58
C MET A 271 7.37 -13.35 -9.69
N GLY A 272 6.72 -13.50 -8.53
CA GLY A 272 5.28 -13.78 -8.44
C GLY A 272 4.47 -12.64 -9.03
N GLU A 273 4.85 -11.41 -8.68
CA GLU A 273 4.24 -10.20 -9.24
C GLU A 273 4.56 -9.98 -10.70
N LEU A 274 5.79 -10.32 -11.12
CA LEU A 274 6.16 -10.24 -12.52
C LEU A 274 5.38 -11.24 -13.39
N GLU A 275 5.01 -12.39 -12.80
CA GLU A 275 4.12 -13.36 -13.45
C GLU A 275 2.79 -12.71 -13.81
N GLU A 276 2.20 -12.00 -12.84
CA GLU A 276 0.94 -11.30 -13.02
C GLU A 276 1.02 -10.33 -14.20
N LEU A 277 2.07 -9.50 -14.22
CA LEU A 277 2.32 -8.55 -15.30
C LEU A 277 2.50 -9.22 -16.66
N ARG A 278 3.27 -10.32 -16.68
CA ARG A 278 3.61 -11.03 -17.91
C ARG A 278 2.36 -11.56 -18.61
N ARG A 279 1.35 -11.95 -17.82
CA ARG A 279 0.08 -12.42 -18.39
C ARG A 279 -0.63 -11.32 -19.20
N ARG A 280 -0.67 -10.10 -18.65
CA ARG A 280 -1.24 -8.93 -19.33
C ARG A 280 -0.50 -8.64 -20.63
N SER A 281 0.81 -8.44 -20.52
CA SER A 281 1.66 -8.33 -21.68
C SER A 281 3.10 -8.71 -21.30
N PRO A 282 3.73 -9.60 -22.08
CA PRO A 282 5.14 -9.94 -21.88
C PRO A 282 6.02 -8.69 -21.97
N ARG A 283 5.58 -7.73 -22.78
CA ARG A 283 6.23 -6.43 -22.95
C ARG A 283 6.57 -5.70 -21.65
N TYR A 284 5.63 -5.70 -20.70
CA TYR A 284 5.86 -5.04 -19.38
C TYR A 284 7.16 -5.49 -18.73
N VAL A 285 7.38 -6.80 -18.67
CA VAL A 285 8.57 -7.36 -18.03
C VAL A 285 9.84 -7.10 -18.84
N ASP A 286 9.72 -7.15 -20.16
CA ASP A 286 10.79 -6.80 -21.10
C ASP A 286 11.26 -5.36 -20.87
N ILE A 287 10.31 -4.43 -20.70
CA ILE A 287 10.61 -3.02 -20.51
C ILE A 287 11.29 -2.80 -19.15
N LEU A 288 10.76 -3.47 -18.13
CA LEU A 288 11.29 -3.46 -16.78
C LEU A 288 12.73 -3.96 -16.72
N ARG A 289 12.98 -5.11 -17.34
CA ARG A 289 14.34 -5.64 -17.40
C ARG A 289 15.31 -4.69 -18.12
N ALA A 290 14.88 -4.15 -19.27
CA ALA A 290 15.66 -3.17 -20.01
C ALA A 290 16.11 -1.98 -19.12
N ILE A 291 15.15 -1.35 -18.44
CA ILE A 291 15.42 -0.24 -17.51
C ILE A 291 16.41 -0.62 -16.42
N ALA A 292 16.16 -1.76 -15.76
CA ALA A 292 17.07 -2.31 -14.77
C ALA A 292 18.51 -2.49 -15.28
N LEU A 293 18.66 -2.79 -16.57
CA LEU A 293 19.98 -2.97 -17.19
C LEU A 293 20.62 -1.65 -17.69
N GLY A 294 19.95 -0.52 -17.44
CA GLY A 294 20.46 0.78 -17.86
C GLY A 294 19.96 1.32 -19.19
N TYR A 295 19.03 0.62 -19.83
CA TYR A 295 18.34 1.19 -20.99
C TYR A 295 17.14 1.96 -20.43
N ASN A 296 17.38 3.23 -20.05
CA ASN A 296 16.49 3.98 -19.18
C ASN A 296 16.05 5.33 -19.80
N ARG A 297 16.16 5.40 -21.12
CA ARG A 297 15.61 6.49 -21.91
C ARG A 297 14.82 5.87 -23.06
N TRP A 298 13.81 6.60 -23.53
CA TRP A 298 12.90 6.15 -24.56
C TRP A 298 13.53 5.38 -25.72
N SER A 299 14.43 6.03 -26.45
CA SER A 299 15.10 5.40 -27.60
C SER A 299 15.99 4.23 -27.17
N LEU A 300 16.57 4.32 -25.98
CA LEU A 300 17.39 3.22 -25.47
C LEU A 300 16.55 1.94 -25.30
N ILE A 301 15.37 2.11 -24.72
CA ILE A 301 14.40 1.03 -24.47
C ILE A 301 13.90 0.44 -25.78
N ARG A 302 13.49 1.33 -26.68
CA ARG A 302 12.91 0.97 -27.94
C ARG A 302 13.87 0.17 -28.84
N ASP A 303 15.11 0.65 -28.99
CA ASP A 303 16.11 -0.07 -29.79
C ASP A 303 16.50 -1.40 -29.14
N TYR A 304 16.61 -1.43 -27.82
CA TYR A 304 17.05 -2.64 -27.10
C TYR A 304 16.09 -3.78 -27.38
N LEU A 305 14.81 -3.50 -27.18
CA LEU A 305 13.75 -4.48 -27.39
C LEU A 305 13.56 -4.85 -28.86
N ALA A 306 13.74 -3.90 -29.78
CA ALA A 306 13.66 -4.18 -31.22
C ALA A 306 14.71 -5.22 -31.60
N VAL A 307 15.88 -5.04 -31.02
CA VAL A 307 17.05 -5.86 -31.27
C VAL A 307 16.89 -7.26 -30.66
N LYS A 308 16.21 -7.34 -29.52
CA LYS A 308 15.93 -8.62 -28.85
C LYS A 308 14.70 -9.34 -29.44
N GLY A 309 14.08 -8.77 -30.47
CA GLY A 309 12.99 -9.43 -31.16
C GLY A 309 11.70 -8.65 -31.31
N THR A 310 11.29 -7.93 -30.28
CA THR A 310 10.00 -7.21 -30.33
C THR A 310 10.13 -5.70 -30.56
N LYS A 311 9.77 -5.28 -31.78
CA LYS A 311 9.60 -3.87 -32.11
C LYS A 311 8.25 -3.39 -31.55
N ILE A 312 8.30 -2.42 -30.63
CA ILE A 312 7.09 -1.85 -30.04
C ILE A 312 6.78 -0.50 -30.70
N PRO A 313 5.57 -0.36 -31.29
CA PRO A 313 5.16 0.95 -31.82
C PRO A 313 5.18 2.03 -30.74
N GLU A 314 5.43 3.26 -31.17
CA GLU A 314 5.59 4.44 -30.31
C GLU A 314 4.38 4.74 -29.41
N PRO A 315 3.14 4.75 -29.98
CA PRO A 315 1.95 4.85 -29.12
C PRO A 315 1.80 3.71 -28.09
N ARG A 316 2.11 2.47 -28.47
CA ARG A 316 2.10 1.35 -27.52
C ARG A 316 3.12 1.51 -26.40
N LEU A 317 4.35 1.84 -26.79
CA LEU A 317 5.41 2.07 -25.82
C LEU A 317 5.03 3.14 -24.80
N TYR A 318 4.40 4.21 -25.27
CA TYR A 318 3.97 5.30 -24.40
C TYR A 318 2.94 4.80 -23.38
N ALA A 319 1.96 4.05 -23.87
CA ALA A 319 0.91 3.48 -23.01
C ALA A 319 1.50 2.51 -21.98
N LEU A 320 2.37 1.62 -22.43
CA LEU A 320 3.04 0.66 -21.55
C LEU A 320 3.82 1.32 -20.41
N LEU A 321 4.62 2.33 -20.76
CA LEU A 321 5.42 3.07 -19.77
C LEU A 321 4.55 3.88 -18.80
N GLU A 322 3.50 4.50 -19.32
CA GLU A 322 2.53 5.20 -18.49
C GLU A 322 1.83 4.30 -17.47
N ASN A 323 1.41 3.10 -17.91
CA ASN A 323 0.84 2.09 -17.02
C ASN A 323 1.79 1.63 -15.91
N LEU A 324 3.02 1.34 -16.29
CA LEU A 324 4.10 0.99 -15.36
C LEU A 324 4.34 2.05 -14.29
N LYS A 325 4.26 3.31 -14.69
CA LYS A 325 4.31 4.44 -13.76
C LYS A 325 3.11 4.51 -12.80
N LYS A 326 1.91 4.31 -13.35
CA LYS A 326 0.65 4.31 -12.59
C LYS A 326 0.58 3.14 -11.60
N MET A 327 1.19 2.02 -11.98
CA MET A 327 1.31 0.86 -11.12
C MET A 327 2.47 1.05 -10.13
N ASN A 328 3.25 2.12 -10.32
CA ASN A 328 4.41 2.42 -9.48
C ASN A 328 5.57 1.41 -9.55
N TRP A 329 5.70 0.70 -10.67
CA TRP A 329 6.89 -0.14 -10.90
C TRP A 329 8.07 0.78 -11.15
N ILE A 330 7.75 1.95 -11.72
CA ILE A 330 8.72 2.84 -12.29
C ILE A 330 8.45 4.30 -11.95
N VAL A 331 9.53 5.06 -11.79
CA VAL A 331 9.49 6.51 -11.75
C VAL A 331 10.17 7.08 -13.01
N GLU A 332 9.58 8.13 -13.59
CA GLU A 332 10.25 8.93 -14.61
C GLU A 332 10.66 10.26 -14.01
N GLU A 333 11.97 10.52 -13.99
CA GLU A 333 12.50 11.78 -13.46
C GLU A 333 13.65 12.27 -14.33
N ASP A 334 13.79 13.59 -14.46
CA ASP A 334 14.85 14.21 -15.27
C ASP A 334 15.01 13.51 -16.63
N ASN A 335 13.88 13.24 -17.29
CA ASN A 335 13.84 12.56 -18.57
C ASN A 335 14.51 11.16 -18.57
N THR A 336 14.40 10.47 -17.43
CA THR A 336 15.01 9.16 -17.23
C THR A 336 14.07 8.25 -16.44
N TYR A 337 13.95 7.01 -16.88
CA TYR A 337 13.20 5.99 -16.15
C TYR A 337 14.05 5.24 -15.14
N LYS A 338 13.47 4.99 -13.97
CA LYS A 338 14.09 4.07 -13.01
C LYS A 338 13.09 3.16 -12.31
N ILE A 339 13.54 1.95 -12.01
CA ILE A 339 12.77 1.06 -11.15
C ILE A 339 12.57 1.78 -9.80
N ALA A 340 11.32 1.88 -9.38
CA ALA A 340 10.95 2.56 -8.14
C ALA A 340 11.61 1.94 -6.90
N ASP A 341 11.68 0.61 -6.86
CA ASP A 341 12.33 -0.14 -5.76
C ASP A 341 13.66 -0.72 -6.26
N PRO A 342 14.80 -0.29 -5.68
CA PRO A 342 16.14 -0.74 -6.12
C PRO A 342 16.39 -2.24 -5.98
N VAL A 343 15.71 -2.89 -5.05
CA VAL A 343 15.75 -4.35 -4.92
C VAL A 343 15.04 -5.05 -6.11
N VAL A 344 13.90 -4.53 -6.55
CA VAL A 344 13.28 -4.99 -7.80
C VAL A 344 14.28 -4.89 -8.97
N ALA A 345 14.99 -3.77 -9.08
CA ALA A 345 16.04 -3.64 -10.08
C ALA A 345 17.14 -4.74 -9.97
N THR A 346 17.61 -4.99 -8.75
CA THR A 346 18.58 -6.07 -8.48
C THR A 346 18.06 -7.44 -8.94
N VAL A 347 16.81 -7.74 -8.63
CA VAL A 347 16.13 -8.98 -9.03
C VAL A 347 15.96 -9.10 -10.55
N LEU A 348 15.57 -8.01 -11.22
CA LEU A 348 15.47 -8.00 -12.69
C LEU A 348 16.79 -8.17 -13.46
N ARG A 349 17.91 -7.77 -12.85
CA ARG A 349 19.24 -7.99 -13.43
C ARG A 349 19.71 -9.42 -13.18
N ILE A 350 18.90 -10.13 -12.38
CA ILE A 350 19.02 -11.55 -12.00
C ILE A 350 19.71 -11.75 -10.64
#